data_7ZGV
#
_entry.id   7ZGV
#
_cell.length_a   114.265
_cell.length_b   114.265
_cell.length_c   96.069
_cell.angle_alpha   90.000
_cell.angle_beta   90.000
_cell.angle_gamma   120.000
#
_symmetry.space_group_name_H-M   'H 3 2'
#
loop_
_entity.id
_entity.type
_entity.pdbx_description
1 polymer 'Serratia NucC'
2 polymer "RNA (5'-R(P*AP*AP*A)-3')"
3 non-polymer 'CALCIUM ION'
4 non-polymer 'ACETATE ION'
5 water water
#
loop_
_entity_poly.entity_id
_entity_poly.type
_entity_poly.pdbx_seq_one_letter_code
_entity_poly.pdbx_strand_id
1 'polypeptide(L)'
;KEEKLTMTNQAKKLSRINGREFLKQSFNLQQQLLASQLNLSRTITHDGTMGEVNESYFLSIIRQYLPERYSVDRGVVVDS
EGQTSDQIDAVIFDRHYTPTLLDQQGHRFIPAEAVYAVLEVKPTINKTYLEYAADKAASVRKLYRTSTVIKNIYGTAKPV
EHFPIVAGIVAIDVEWQDGLGKAFTENLQAVSSDENRKLDCGLAVSGACFDSYDEEIKIRSGENALIFFLFRLLGKLQSL
GTVPAIDWRVYIDSLE
;
A
2 'polyribonucleotide' AAA D
#
# COMPACT_ATOMS: atom_id res chain seq x y z
N ALA A 11 -13.22 36.15 -8.45
CA ALA A 11 -12.15 35.60 -9.30
C ALA A 11 -10.78 35.77 -8.64
N LYS A 12 -9.97 34.70 -8.71
CA LYS A 12 -8.63 34.70 -8.14
C LYS A 12 -7.67 35.48 -9.03
N LYS A 13 -6.75 36.21 -8.40
CA LYS A 13 -5.70 36.90 -9.17
C LYS A 13 -4.59 35.91 -9.44
N LEU A 14 -4.34 35.63 -10.72
CA LEU A 14 -3.33 34.69 -11.15
C LEU A 14 -2.19 35.46 -11.79
N SER A 15 -0.99 35.23 -11.31
CA SER A 15 0.20 35.82 -11.90
C SER A 15 0.86 34.78 -12.78
N ARG A 16 1.86 34.11 -12.24
CA ARG A 16 2.57 33.06 -12.95
C ARG A 16 2.71 31.84 -12.06
N ILE A 17 3.02 30.69 -12.68
CA ILE A 17 3.25 29.43 -12.00
C ILE A 17 4.64 28.94 -12.36
N ASN A 18 5.46 28.68 -11.35
CA ASN A 18 6.78 28.11 -11.54
C ASN A 18 6.77 26.60 -11.29
N GLY A 19 7.89 25.95 -11.61
CA GLY A 19 7.96 24.50 -11.52
C GLY A 19 7.72 23.95 -10.13
N ARG A 20 8.34 24.56 -9.09
CA ARG A 20 8.15 24.06 -7.73
C ARG A 20 6.68 24.20 -7.32
N GLU A 21 6.13 25.37 -7.58
CA GLU A 21 4.72 25.64 -7.28
C GLU A 21 3.80 24.67 -7.99
N PHE A 22 4.07 24.39 -9.28
CA PHE A 22 3.21 23.46 -10.00
C PHE A 22 3.32 22.05 -9.44
N LEU A 23 4.52 21.61 -9.08
CA LEU A 23 4.67 20.31 -8.45
C LEU A 23 3.85 20.21 -7.18
N LYS A 24 3.98 21.20 -6.30
CA LYS A 24 3.20 21.19 -5.05
C LYS A 24 1.71 21.13 -5.32
N GLN A 25 1.22 21.97 -6.24
CA GLN A 25 -0.22 22.02 -6.54
C GLN A 25 -0.72 20.74 -7.17
N SER A 26 0.10 20.13 -8.02
CA SER A 26 -0.33 18.95 -8.73
C SER A 26 -0.59 17.82 -7.77
N PHE A 27 0.12 17.81 -6.64
CA PHE A 27 -0.11 16.81 -5.61
C PHE A 27 -1.10 17.29 -4.56
N ASN A 28 -0.99 18.54 -4.12
CA ASN A 28 -1.91 18.97 -3.06
C ASN A 28 -3.36 19.03 -3.55
N LEU A 29 -3.59 19.44 -4.80
CA LEU A 29 -4.96 19.48 -5.26
C LEU A 29 -5.51 18.06 -5.38
N GLN A 30 -4.68 17.09 -5.76
CA GLN A 30 -5.12 15.70 -5.76
C GLN A 30 -5.38 15.20 -4.34
N GLN A 31 -4.56 15.63 -3.37
CA GLN A 31 -4.84 15.31 -1.99
C GLN A 31 -6.20 15.84 -1.56
N GLN A 32 -6.52 17.08 -1.93
CA GLN A 32 -7.82 17.64 -1.59
C GLN A 32 -8.93 16.87 -2.28
N LEU A 33 -8.71 16.47 -3.54
CA LEU A 33 -9.73 15.71 -4.24
C LEU A 33 -9.97 14.38 -3.53
N LEU A 34 -8.89 13.69 -3.16
CA LEU A 34 -9.04 12.43 -2.45
C LEU A 34 -9.73 12.62 -1.11
N ALA A 35 -9.39 13.69 -0.40
CA ALA A 35 -10.05 13.93 0.89
C ALA A 35 -11.55 14.08 0.69
N SER A 36 -11.95 14.81 -0.34
CA SER A 36 -13.36 15.04 -0.62
C SER A 36 -14.07 13.74 -0.95
N GLN A 37 -13.46 12.93 -1.82
CA GLN A 37 -14.06 11.67 -2.24
C GLN A 37 -14.11 10.66 -1.09
N LEU A 38 -12.99 10.47 -0.39
CA LEU A 38 -12.98 9.46 0.66
C LEU A 38 -13.89 9.87 1.81
N ASN A 39 -13.99 11.17 2.09
CA ASN A 39 -14.89 11.64 3.14
C ASN A 39 -16.34 11.53 2.72
N LEU A 40 -16.66 11.77 1.44
CA LEU A 40 -18.00 11.46 0.97
C LEU A 40 -18.33 9.99 1.26
N SER A 41 -17.43 9.09 0.86
CA SER A 41 -17.66 7.66 1.07
C SER A 41 -17.78 7.33 2.55
N ARG A 42 -16.91 7.90 3.39
CA ARG A 42 -17.04 7.68 4.84
C ARG A 42 -18.39 8.18 5.35
N THR A 43 -18.87 9.30 4.84
CA THR A 43 -20.14 9.87 5.28
C THR A 43 -21.30 8.99 4.84
N ILE A 44 -21.32 8.60 3.57
CA ILE A 44 -22.44 7.85 3.02
C ILE A 44 -22.54 6.48 3.67
N THR A 45 -21.41 5.89 4.04
CA THR A 45 -21.37 4.56 4.64
C THR A 45 -21.46 4.62 6.15
N HIS A 46 -21.66 5.79 6.73
CA HIS A 46 -21.78 5.93 8.18
C HIS A 46 -20.54 5.37 8.88
N ASP A 47 -19.38 5.83 8.43
CA ASP A 47 -18.09 5.43 9.01
C ASP A 47 -17.77 3.95 8.78
N GLY A 48 -17.99 3.46 7.54
CA GLY A 48 -17.69 2.09 7.23
C GLY A 48 -18.66 1.06 7.78
N THR A 49 -19.77 1.49 8.37
CA THR A 49 -20.68 0.52 8.94
C THR A 49 -21.79 0.09 8.00
N MET A 50 -22.06 0.85 6.95
CA MET A 50 -23.03 0.49 5.92
C MET A 50 -22.35 0.45 4.55
N GLY A 51 -21.21 -0.21 4.50
CA GLY A 51 -20.46 -0.36 3.27
C GLY A 51 -19.00 -0.02 3.51
N GLU A 52 -18.11 -0.50 2.64
CA GLU A 52 -16.70 -0.19 2.80
C GLU A 52 -16.41 1.18 2.19
N VAL A 53 -15.46 1.90 2.80
CA VAL A 53 -14.99 3.13 2.19
C VAL A 53 -14.48 2.77 0.80
N ASN A 54 -14.85 3.58 -0.20
CA ASN A 54 -14.53 3.26 -1.60
C ASN A 54 -13.08 3.58 -1.91
N GLU A 55 -12.26 2.54 -2.00
CA GLU A 55 -10.83 2.66 -2.26
C GLU A 55 -10.49 3.00 -3.72
N SER A 56 -11.48 3.06 -4.62
CA SER A 56 -11.20 3.15 -6.04
C SER A 56 -10.41 4.41 -6.42
N TYR A 57 -10.72 5.56 -5.80
CA TYR A 57 -10.00 6.74 -6.29
C TYR A 57 -8.58 6.78 -5.75
N PHE A 58 -8.38 6.22 -4.54
CA PHE A 58 -7.02 6.03 -4.08
C PHE A 58 -6.26 5.13 -5.05
N LEU A 59 -6.86 3.99 -5.42
CA LEU A 59 -6.17 3.12 -6.38
C LEU A 59 -5.77 3.85 -7.64
N SER A 60 -6.66 4.69 -8.16
CA SER A 60 -6.36 5.39 -9.39
C SER A 60 -5.18 6.32 -9.22
N ILE A 61 -5.12 7.05 -8.12
CA ILE A 61 -4.04 8.01 -7.93
C ILE A 61 -2.71 7.30 -7.75
N ILE A 62 -2.67 6.24 -6.94
CA ILE A 62 -1.38 5.61 -6.76
C ILE A 62 -0.95 4.88 -8.04
N ARG A 63 -1.91 4.33 -8.81
CA ARG A 63 -1.55 3.70 -10.09
C ARG A 63 -0.96 4.73 -11.04
N GLN A 64 -1.54 5.93 -11.05
CA GLN A 64 -1.08 6.99 -11.92
C GLN A 64 0.33 7.42 -11.55
N TYR A 65 0.61 7.55 -10.25
CA TYR A 65 1.92 8.00 -9.81
C TYR A 65 2.98 6.93 -10.03
N LEU A 66 2.71 5.70 -9.63
CA LEU A 66 3.78 4.72 -9.53
C LEU A 66 4.38 4.37 -10.91
N PRO A 67 5.68 4.11 -10.95
CA PRO A 67 6.31 3.57 -12.17
C PRO A 67 5.57 2.33 -12.68
N GLU A 68 5.65 2.13 -13.99
CA GLU A 68 4.86 1.07 -14.64
C GLU A 68 5.38 -0.34 -14.35
N ARG A 69 6.54 -0.49 -13.73
CA ARG A 69 6.92 -1.79 -13.22
C ARG A 69 5.94 -2.28 -12.13
N TYR A 70 5.17 -1.37 -11.52
CA TYR A 70 4.21 -1.72 -10.49
C TYR A 70 2.79 -1.73 -11.04
N SER A 71 2.03 -2.72 -10.62
CA SER A 71 0.60 -2.79 -10.86
C SER A 71 -0.10 -2.55 -9.52
N VAL A 72 -1.34 -2.05 -9.59
CA VAL A 72 -2.09 -1.67 -8.39
C VAL A 72 -3.54 -2.12 -8.54
N ASP A 73 -4.08 -2.85 -7.55
CA ASP A 73 -5.49 -3.23 -7.63
C ASP A 73 -5.92 -3.77 -6.26
N ARG A 74 -7.22 -4.00 -6.15
CA ARG A 74 -7.77 -4.71 -5.00
C ARG A 74 -7.96 -6.19 -5.30
N GLY A 75 -7.98 -6.98 -4.25
CA GLY A 75 -8.29 -8.39 -4.46
C GLY A 75 -7.84 -9.22 -3.28
N VAL A 76 -7.43 -10.44 -3.58
CA VAL A 76 -7.05 -11.47 -2.62
C VAL A 76 -5.68 -11.99 -3.05
N VAL A 77 -4.80 -12.26 -2.09
CA VAL A 77 -3.50 -12.86 -2.37
C VAL A 77 -3.58 -14.34 -2.02
N VAL A 78 -2.98 -15.19 -2.86
CA VAL A 78 -2.99 -16.64 -2.69
C VAL A 78 -1.56 -17.14 -2.79
N ASP A 79 -1.27 -18.27 -2.16
CA ASP A 79 0.04 -18.88 -2.26
C ASP A 79 -0.06 -20.29 -2.85
N SER A 80 1.11 -20.94 -3.05
CA SER A 80 1.21 -22.27 -3.65
C SER A 80 0.79 -23.38 -2.72
N GLU A 81 0.45 -23.06 -1.46
CA GLU A 81 -0.11 -23.98 -0.51
C GLU A 81 -1.64 -23.88 -0.47
N GLY A 82 -2.21 -23.07 -1.36
CA GLY A 82 -3.65 -22.92 -1.37
C GLY A 82 -4.20 -21.95 -0.33
N GLN A 83 -3.33 -21.27 0.40
CA GLN A 83 -3.79 -20.35 1.43
C GLN A 83 -4.06 -18.99 0.85
N THR A 84 -5.02 -18.29 1.46
CA THR A 84 -5.43 -16.97 1.00
C THR A 84 -5.28 -15.96 2.13
N SER A 85 -4.99 -14.73 1.72
CA SER A 85 -5.12 -13.58 2.58
C SER A 85 -6.59 -13.22 2.79
N ASP A 86 -6.81 -12.18 3.59
CA ASP A 86 -8.13 -11.56 3.63
C ASP A 86 -8.28 -10.72 2.36
N GLN A 87 -9.47 -10.13 2.17
CA GLN A 87 -9.67 -9.20 1.05
C GLN A 87 -8.85 -7.94 1.32
N ILE A 88 -8.06 -7.51 0.34
CA ILE A 88 -7.09 -6.43 0.50
C ILE A 88 -7.54 -5.25 -0.36
N ASP A 89 -7.53 -4.05 0.22
CA ASP A 89 -8.05 -2.89 -0.48
C ASP A 89 -7.11 -2.41 -1.58
N ALA A 90 -5.80 -2.49 -1.36
CA ALA A 90 -4.87 -2.02 -2.36
C ALA A 90 -3.61 -2.87 -2.27
N VAL A 91 -3.30 -3.54 -3.36
CA VAL A 91 -2.10 -4.36 -3.49
C VAL A 91 -1.24 -3.72 -4.57
N ILE A 92 0.05 -3.53 -4.28
CA ILE A 92 1.05 -3.10 -5.25
C ILE A 92 1.86 -4.34 -5.57
N PHE A 93 1.90 -4.73 -6.86
CA PHE A 93 2.37 -6.06 -7.21
C PHE A 93 2.97 -6.08 -8.61
N ASP A 94 3.68 -7.15 -8.91
CA ASP A 94 4.26 -7.36 -10.24
C ASP A 94 3.36 -8.14 -11.18
N ARG A 95 3.28 -7.67 -12.41
CA ARG A 95 2.72 -8.41 -13.52
C ARG A 95 3.70 -8.49 -14.68
N HIS A 96 4.87 -7.86 -14.59
CA HIS A 96 5.81 -7.92 -15.71
C HIS A 96 6.48 -9.30 -15.82
N TYR A 97 6.73 -9.96 -14.68
CA TYR A 97 7.40 -11.26 -14.64
C TYR A 97 6.53 -12.36 -14.10
N THR A 98 5.43 -12.04 -13.47
CA THR A 98 4.60 -12.97 -12.75
C THR A 98 3.28 -13.09 -13.46
N PRO A 99 2.77 -14.31 -13.70
CA PRO A 99 1.52 -14.46 -14.45
C PRO A 99 0.31 -13.95 -13.68
N THR A 100 -0.77 -13.79 -14.42
CA THR A 100 -2.08 -13.39 -13.91
C THR A 100 -2.99 -14.60 -13.94
N LEU A 101 -3.67 -14.86 -12.83
CA LEU A 101 -4.45 -16.07 -12.62
C LEU A 101 -5.86 -15.92 -13.19
N LEU A 102 -5.91 -15.39 -14.42
CA LEU A 102 -7.12 -15.27 -15.20
C LEU A 102 -8.18 -14.49 -14.45
N ASP A 103 -7.75 -13.39 -13.86
CA ASP A 103 -8.62 -12.47 -13.17
C ASP A 103 -8.78 -11.21 -14.03
N GLN A 104 -9.45 -10.21 -13.47
CA GLN A 104 -9.65 -8.96 -14.17
C GLN A 104 -9.60 -7.81 -13.17
N GLN A 105 -9.54 -6.60 -13.71
CA GLN A 105 -9.39 -5.42 -12.88
C GLN A 105 -10.52 -5.30 -11.88
N GLY A 106 -10.16 -4.95 -10.64
CA GLY A 106 -11.11 -4.81 -9.54
C GLY A 106 -11.31 -6.07 -8.74
N HIS A 107 -10.83 -7.21 -9.23
CA HIS A 107 -11.06 -8.47 -8.50
C HIS A 107 -9.90 -9.42 -8.77
N ARG A 108 -8.73 -9.06 -8.28
CA ARG A 108 -7.52 -9.83 -8.54
C ARG A 108 -7.38 -10.98 -7.54
N PHE A 109 -6.69 -12.04 -8.01
CA PHE A 109 -6.35 -13.22 -7.22
C PHE A 109 -4.86 -13.38 -7.49
N ILE A 110 -4.03 -12.89 -6.59
CA ILE A 110 -2.64 -12.54 -6.87
C ILE A 110 -1.70 -13.55 -6.22
N PRO A 111 -0.74 -14.13 -6.95
CA PRO A 111 0.27 -14.98 -6.29
C PRO A 111 1.10 -14.17 -5.31
N ALA A 112 1.31 -14.74 -4.12
CA ALA A 112 2.03 -14.03 -3.07
C ALA A 112 3.40 -13.53 -3.55
N GLU A 113 4.08 -14.29 -4.41
CA GLU A 113 5.38 -13.88 -4.91
C GLU A 113 5.35 -12.54 -5.61
N ALA A 114 4.22 -12.13 -6.15
CA ALA A 114 4.14 -10.89 -6.91
C ALA A 114 4.06 -9.64 -6.03
N VAL A 115 3.86 -9.76 -4.72
CA VAL A 115 3.42 -8.62 -3.90
C VAL A 115 4.60 -7.80 -3.41
N TYR A 116 4.52 -6.48 -3.62
CA TYR A 116 5.45 -5.53 -3.02
C TYR A 116 4.89 -4.91 -1.75
N ALA A 117 3.62 -4.51 -1.76
CA ALA A 117 3.04 -3.77 -0.67
C ALA A 117 1.52 -3.96 -0.64
N VAL A 118 0.94 -3.75 0.53
CA VAL A 118 -0.50 -3.79 0.72
C VAL A 118 -0.93 -2.64 1.61
N LEU A 119 -2.08 -2.06 1.32
CA LEU A 119 -2.61 -0.96 2.10
C LEU A 119 -4.10 -1.19 2.34
N GLU A 120 -4.57 -0.87 3.55
CA GLU A 120 -5.97 -0.96 3.91
C GLU A 120 -6.52 0.44 4.05
N VAL A 121 -7.71 0.66 3.47
CA VAL A 121 -8.39 1.96 3.52
C VAL A 121 -9.46 1.89 4.60
N LYS A 122 -9.38 2.81 5.57
CA LYS A 122 -10.27 2.84 6.73
C LYS A 122 -10.79 4.25 6.97
N PRO A 123 -11.81 4.40 7.81
CA PRO A 123 -12.37 5.73 8.03
C PRO A 123 -11.39 6.71 8.65
N THR A 124 -10.58 6.26 9.62
CA THR A 124 -9.70 7.18 10.34
C THR A 124 -8.48 6.39 10.81
N ILE A 125 -7.41 7.10 11.12
CA ILE A 125 -6.27 6.51 11.83
C ILE A 125 -6.54 6.61 13.33
N ASN A 126 -6.81 5.46 13.95
CA ASN A 126 -6.99 5.31 15.39
C ASN A 126 -6.51 3.92 15.77
N LYS A 127 -6.59 3.59 17.06
CA LYS A 127 -6.06 2.29 17.48
C LYS A 127 -6.81 1.12 16.83
N THR A 128 -8.13 1.17 16.84
CA THR A 128 -8.94 0.10 16.25
C THR A 128 -8.57 -0.13 14.80
N TYR A 129 -8.51 0.94 14.01
CA TYR A 129 -8.26 0.77 12.59
C TYR A 129 -6.79 0.46 12.27
N LEU A 130 -5.86 0.94 13.06
CA LEU A 130 -4.49 0.47 12.93
C LEU A 130 -4.42 -1.03 13.14
N GLU A 131 -5.11 -1.54 14.16
CA GLU A 131 -5.09 -2.97 14.42
C GLU A 131 -5.71 -3.75 13.27
N TYR A 132 -6.80 -3.25 12.71
CA TYR A 132 -7.41 -3.94 11.57
C TYR A 132 -6.47 -3.96 10.36
N ALA A 133 -5.81 -2.82 10.08
CA ALA A 133 -4.89 -2.78 8.94
C ALA A 133 -3.71 -3.71 9.17
N ALA A 134 -3.28 -3.86 10.42
CA ALA A 134 -2.18 -4.79 10.72
C ALA A 134 -2.63 -6.23 10.56
N ASP A 135 -3.89 -6.52 10.89
CA ASP A 135 -4.42 -7.85 10.67
C ASP A 135 -4.43 -8.18 9.18
N LYS A 136 -4.85 -7.24 8.35
CA LYS A 136 -4.85 -7.48 6.91
C LYS A 136 -3.44 -7.74 6.42
N ALA A 137 -2.48 -6.93 6.88
CA ALA A 137 -1.08 -7.12 6.50
C ALA A 137 -0.61 -8.52 6.84
N ALA A 138 -0.91 -8.97 8.06
CA ALA A 138 -0.45 -10.29 8.50
C ALA A 138 -1.06 -11.38 7.67
N SER A 139 -2.30 -11.19 7.22
CA SER A 139 -2.94 -12.19 6.39
C SER A 139 -2.21 -12.40 5.07
N VAL A 140 -1.49 -11.38 4.60
CA VAL A 140 -0.67 -11.48 3.38
C VAL A 140 0.73 -11.97 3.71
N ARG A 141 1.34 -11.42 4.76
CA ARG A 141 2.73 -11.77 5.07
C ARG A 141 2.86 -13.21 5.54
N LYS A 142 1.79 -13.82 6.07
CA LYS A 142 1.87 -15.22 6.47
C LYS A 142 1.96 -16.20 5.29
N LEU A 143 1.66 -15.77 4.08
CA LEU A 143 1.64 -16.65 2.93
C LEU A 143 3.04 -17.00 2.47
N TYR A 144 3.16 -18.17 1.86
CA TYR A 144 4.42 -18.74 1.44
C TYR A 144 4.86 -18.19 0.09
N ARG A 145 6.14 -17.89 -0.05
CA ARG A 145 6.68 -17.32 -1.28
C ARG A 145 7.91 -18.12 -1.75
N THR A 146 7.95 -18.42 -3.06
CA THR A 146 9.04 -19.14 -3.69
C THR A 146 9.97 -18.20 -4.44
N SER A 147 11.16 -18.71 -4.75
CA SER A 147 12.19 -17.96 -5.47
C SER A 147 13.12 -18.92 -6.19
N THR A 148 13.29 -18.70 -7.51
CA THR A 148 14.09 -19.58 -8.34
C THR A 148 15.16 -18.83 -9.10
N VAL A 149 16.00 -19.59 -9.79
CA VAL A 149 17.12 -19.00 -10.51
C VAL A 149 16.58 -18.10 -11.62
N ILE A 150 17.43 -17.17 -12.05
CA ILE A 150 17.06 -16.10 -12.96
C ILE A 150 17.99 -16.05 -14.17
N LYS A 151 17.46 -16.43 -15.33
CA LYS A 151 18.20 -16.29 -16.57
C LYS A 151 18.23 -14.83 -16.99
N ASN A 152 19.41 -14.36 -17.35
CA ASN A 152 19.59 -12.96 -17.67
C ASN A 152 20.81 -12.84 -18.58
N ILE A 153 21.10 -11.60 -19.00
CA ILE A 153 22.17 -11.39 -19.98
C ILE A 153 23.52 -11.94 -19.50
N TYR A 154 23.75 -11.98 -18.19
CA TYR A 154 25.04 -12.42 -17.67
C TYR A 154 25.06 -13.89 -17.32
N GLY A 155 24.00 -14.62 -17.61
CA GLY A 155 23.99 -16.06 -17.39
C GLY A 155 22.75 -16.46 -16.63
N THR A 156 22.94 -17.14 -15.49
CA THR A 156 21.85 -17.49 -14.59
C THR A 156 22.24 -17.08 -13.19
N ALA A 157 21.44 -16.22 -12.58
CA ALA A 157 21.70 -15.78 -11.21
C ALA A 157 21.06 -16.72 -10.21
N LYS A 158 21.68 -16.83 -9.03
CA LYS A 158 21.05 -17.61 -7.98
C LYS A 158 19.75 -16.93 -7.54
N PRO A 159 18.86 -17.69 -6.89
CA PRO A 159 17.57 -17.12 -6.47
C PRO A 159 17.75 -15.91 -5.58
N VAL A 160 16.87 -14.94 -5.81
CA VAL A 160 16.87 -13.70 -5.05
C VAL A 160 16.18 -13.95 -3.72
N GLU A 161 16.78 -13.41 -2.67
CA GLU A 161 16.17 -13.46 -1.34
C GLU A 161 14.91 -12.59 -1.30
N HIS A 162 13.87 -13.12 -0.66
CA HIS A 162 12.64 -12.36 -0.48
C HIS A 162 12.88 -11.15 0.40
N PHE A 163 12.10 -10.10 0.13
CA PHE A 163 12.06 -8.94 1.01
C PHE A 163 10.77 -8.91 1.83
N PRO A 164 10.76 -8.22 2.95
CA PRO A 164 9.50 -8.04 3.68
C PRO A 164 8.53 -7.21 2.87
N ILE A 165 7.29 -7.68 2.80
CA ILE A 165 6.23 -6.90 2.16
C ILE A 165 5.97 -5.64 2.97
N VAL A 166 5.76 -4.53 2.29
CA VAL A 166 5.44 -3.26 2.92
C VAL A 166 3.95 -3.21 3.18
N ALA A 167 3.53 -2.68 4.33
CA ALA A 167 2.11 -2.60 4.63
C ALA A 167 1.76 -1.26 5.25
N GLY A 168 0.54 -0.80 4.98
CA GLY A 168 0.14 0.47 5.53
C GLY A 168 -1.37 0.65 5.62
N ILE A 169 -1.73 1.86 6.01
CA ILE A 169 -3.12 2.28 6.22
C ILE A 169 -3.31 3.60 5.51
N VAL A 170 -4.48 3.77 4.88
CA VAL A 170 -4.92 5.01 4.26
C VAL A 170 -6.26 5.35 4.89
N ALA A 171 -6.43 6.60 5.31
CA ALA A 171 -7.69 6.98 5.92
C ALA A 171 -8.01 8.43 5.61
N ILE A 172 -9.21 8.86 6.05
CA ILE A 172 -9.61 10.23 5.79
C ILE A 172 -8.84 11.18 6.68
N ASP A 173 -8.79 10.89 7.99
CA ASP A 173 -8.16 11.79 8.95
C ASP A 173 -7.57 10.97 10.09
N VAL A 174 -7.07 11.69 11.11
CA VAL A 174 -6.49 11.09 12.30
C VAL A 174 -7.36 11.45 13.49
N GLU A 175 -7.72 10.43 14.27
CA GLU A 175 -8.71 10.64 15.32
C GLU A 175 -8.12 11.34 16.53
N TRP A 176 -6.88 11.03 16.92
CA TRP A 176 -6.31 11.67 18.11
C TRP A 176 -6.31 13.18 17.94
N GLN A 177 -6.66 13.88 19.02
CA GLN A 177 -6.71 15.34 18.95
C GLN A 177 -5.34 15.92 18.62
N ASP A 178 -4.27 15.31 19.14
CA ASP A 178 -2.90 15.73 18.86
C ASP A 178 -2.34 15.12 17.56
N GLY A 179 -3.18 14.49 16.74
CA GLY A 179 -2.69 14.01 15.46
C GLY A 179 -1.85 12.75 15.60
N LEU A 180 -0.82 12.64 14.77
CA LEU A 180 0.10 11.52 14.85
C LEU A 180 1.16 11.87 15.90
N GLY A 181 0.77 11.73 17.16
CA GLY A 181 1.64 12.14 18.26
C GLY A 181 2.09 10.99 19.15
N LYS A 182 2.31 11.28 20.43
CA LYS A 182 2.89 10.28 21.32
C LYS A 182 2.00 9.05 21.42
N ALA A 183 0.69 9.24 21.54
CA ALA A 183 -0.21 8.10 21.62
C ALA A 183 -0.16 7.29 20.34
N PHE A 184 -0.13 7.99 19.19
CA PHE A 184 -0.03 7.28 17.93
C PHE A 184 1.22 6.42 17.87
N THR A 185 2.38 7.01 18.19
CA THR A 185 3.63 6.27 18.02
C THR A 185 3.70 5.10 18.99
N GLU A 186 3.12 5.25 20.18
CA GLU A 186 3.06 4.11 21.09
C GLU A 186 2.16 3.01 20.56
N ASN A 187 1.00 3.36 20.01
CA ASN A 187 0.12 2.33 19.44
C ASN A 187 0.76 1.68 18.22
N LEU A 188 1.40 2.46 17.34
CA LEU A 188 2.08 1.88 16.19
C LEU A 188 3.23 0.99 16.63
N GLN A 189 3.97 1.42 17.65
CA GLN A 189 5.05 0.59 18.17
C GLN A 189 4.51 -0.74 18.72
N ALA A 190 3.32 -0.71 19.32
CA ALA A 190 2.73 -1.93 19.88
C ALA A 190 2.16 -2.83 18.80
N VAL A 191 1.43 -2.25 17.84
CA VAL A 191 0.97 -3.01 16.69
C VAL A 191 2.15 -3.67 15.99
N SER A 192 3.18 -2.89 15.68
CA SER A 192 4.36 -3.39 14.97
C SER A 192 5.34 -4.13 15.91
N SER A 193 4.81 -4.93 16.83
CA SER A 193 5.60 -5.80 17.70
C SER A 193 5.59 -7.25 17.20
N ASP A 194 5.42 -7.42 15.90
CA ASP A 194 5.26 -8.71 15.27
C ASP A 194 5.53 -8.42 13.81
N GLU A 195 6.56 -9.05 13.22
CA GLU A 195 6.99 -8.63 11.89
C GLU A 195 5.86 -8.82 10.87
N ASN A 196 5.01 -9.82 11.10
CA ASN A 196 3.89 -10.03 10.19
C ASN A 196 2.86 -8.90 10.30
N ARG A 197 2.78 -8.22 11.44
CA ARG A 197 1.80 -7.17 11.69
C ARG A 197 2.34 -5.75 11.49
N LYS A 198 3.61 -5.59 11.17
CA LYS A 198 4.20 -4.25 11.08
C LYS A 198 3.47 -3.38 10.07
N LEU A 199 3.15 -2.14 10.45
CA LEU A 199 2.66 -1.15 9.50
C LEU A 199 3.79 -0.16 9.23
N ASP A 200 4.34 -0.24 8.02
CA ASP A 200 5.48 0.57 7.66
C ASP A 200 5.11 2.02 7.42
N CYS A 201 3.87 2.30 7.02
CA CYS A 201 3.53 3.64 6.55
C CYS A 201 2.03 3.87 6.65
N GLY A 202 1.65 5.15 6.51
CA GLY A 202 0.26 5.48 6.42
C GLY A 202 0.04 6.89 5.96
N LEU A 203 -1.18 7.13 5.47
CA LEU A 203 -1.58 8.41 4.92
C LEU A 203 -2.99 8.74 5.40
N ALA A 204 -3.18 9.94 5.95
CA ALA A 204 -4.50 10.50 6.15
C ALA A 204 -4.64 11.66 5.17
N VAL A 205 -5.65 11.61 4.30
CA VAL A 205 -5.72 12.62 3.24
C VAL A 205 -6.14 14.00 3.75
N SER A 206 -6.60 14.11 4.99
CA SER A 206 -6.74 15.41 5.63
C SER A 206 -5.41 16.12 5.76
N GLY A 207 -4.31 15.38 5.73
CA GLY A 207 -3.00 15.98 5.72
C GLY A 207 -2.07 15.44 6.80
N ALA A 208 -1.85 14.13 6.83
CA ALA A 208 -0.80 13.59 7.69
C ALA A 208 -0.25 12.33 7.03
N CYS A 209 1.03 12.07 7.28
CA CYS A 209 1.57 10.78 6.85
C CYS A 209 2.67 10.38 7.80
N PHE A 210 2.96 9.08 7.80
CA PHE A 210 4.05 8.57 8.61
C PHE A 210 4.69 7.40 7.87
N ASP A 211 5.93 7.11 8.27
CA ASP A 211 6.56 5.87 7.87
C ASP A 211 7.72 5.57 8.81
N SER A 212 8.15 4.30 8.80
CA SER A 212 9.34 3.86 9.53
C SER A 212 10.44 3.38 8.57
N TYR A 213 10.48 3.93 7.36
CA TYR A 213 11.44 3.46 6.37
C TYR A 213 12.87 3.65 6.83
N ASP A 214 13.12 4.69 7.63
CA ASP A 214 14.44 4.99 8.17
C ASP A 214 14.58 4.49 9.59
N GLU A 215 13.77 3.48 9.94
CA GLU A 215 13.72 2.83 11.25
C GLU A 215 13.02 3.73 12.27
N GLU A 216 13.46 4.97 12.44
CA GLU A 216 12.70 5.87 13.28
C GLU A 216 11.41 6.28 12.56
N ILE A 217 10.37 6.56 13.35
CA ILE A 217 9.09 6.99 12.80
C ILE A 217 9.24 8.43 12.37
N LYS A 218 8.97 8.71 11.10
CA LYS A 218 8.97 10.07 10.58
C LYS A 218 7.54 10.43 10.22
N ILE A 219 7.10 11.61 10.65
CA ILE A 219 5.74 12.08 10.49
C ILE A 219 5.76 13.44 9.78
N ARG A 220 4.81 13.64 8.88
CA ARG A 220 4.59 14.90 8.19
C ARG A 220 3.13 15.28 8.29
N SER A 221 2.85 16.58 8.32
CA SER A 221 1.48 17.04 8.36
C SER A 221 1.33 18.21 7.39
N GLY A 222 0.10 18.39 6.93
CA GLY A 222 -0.26 19.53 6.13
C GLY A 222 -0.42 19.25 4.65
N GLU A 223 -0.20 20.30 3.86
CA GLU A 223 -0.57 20.30 2.45
C GLU A 223 0.22 19.30 1.63
N ASN A 224 1.43 18.95 2.08
CA ASN A 224 2.32 18.09 1.31
C ASN A 224 2.29 16.65 1.76
N ALA A 225 1.29 16.26 2.56
CA ALA A 225 1.26 14.88 3.02
C ALA A 225 1.25 13.87 1.88
N LEU A 226 0.44 14.10 0.83
CA LEU A 226 0.38 13.12 -0.26
C LEU A 226 1.72 13.01 -0.98
N ILE A 227 2.33 14.14 -1.34
CA ILE A 227 3.59 14.07 -2.09
C ILE A 227 4.67 13.41 -1.25
N PHE A 228 4.71 13.69 0.06
CA PHE A 228 5.67 12.99 0.93
C PHE A 228 5.41 11.49 0.95
N PHE A 229 4.16 11.10 1.16
CA PHE A 229 3.83 9.69 1.21
C PHE A 229 4.24 8.98 -0.06
N LEU A 230 3.94 9.59 -1.20
CA LEU A 230 4.19 8.92 -2.48
C LEU A 230 5.67 8.84 -2.80
N PHE A 231 6.42 9.93 -2.63
CA PHE A 231 7.85 9.86 -2.90
C PHE A 231 8.58 8.96 -1.89
N ARG A 232 8.18 8.99 -0.62
CA ARG A 232 8.84 8.12 0.35
C ARG A 232 8.52 6.67 0.02
N LEU A 233 7.29 6.38 -0.41
CA LEU A 233 6.96 5.01 -0.79
C LEU A 233 7.73 4.60 -2.02
N LEU A 234 7.83 5.50 -3.00
CA LEU A 234 8.66 5.23 -4.17
C LEU A 234 10.06 4.79 -3.75
N GLY A 235 10.69 5.52 -2.83
CA GLY A 235 12.01 5.18 -2.38
C GLY A 235 12.06 3.83 -1.67
N LYS A 236 11.08 3.56 -0.83
CA LYS A 236 11.07 2.27 -0.17
C LYS A 236 10.95 1.15 -1.19
N LEU A 237 10.02 1.28 -2.14
CA LEU A 237 9.89 0.30 -3.23
C LEU A 237 11.18 0.16 -3.99
N GLN A 238 11.84 1.28 -4.32
CA GLN A 238 13.11 1.22 -5.04
C GLN A 238 14.07 0.29 -4.35
N SER A 239 14.10 0.35 -3.02
CA SER A 239 15.09 -0.38 -2.26
C SER A 239 14.85 -1.88 -2.28
N LEU A 240 13.67 -2.29 -2.72
CA LEU A 240 13.31 -3.71 -2.71
C LEU A 240 13.75 -4.47 -3.95
N GLY A 241 13.96 -3.76 -5.06
CA GLY A 241 14.27 -4.42 -6.32
C GLY A 241 13.00 -5.03 -6.90
N THR A 242 13.20 -5.99 -7.80
CA THR A 242 12.09 -6.69 -8.44
C THR A 242 11.75 -7.95 -7.66
N VAL A 243 10.48 -8.34 -7.67
CA VAL A 243 10.07 -9.60 -7.05
C VAL A 243 10.98 -10.74 -7.52
N PRO A 244 11.28 -11.69 -6.64
CA PRO A 244 11.97 -12.90 -7.08
C PRO A 244 11.17 -13.68 -8.10
N ALA A 245 11.87 -14.57 -8.79
CA ALA A 245 11.27 -15.39 -9.84
C ALA A 245 10.45 -16.51 -9.21
N ILE A 246 9.16 -16.53 -9.54
CA ILE A 246 8.22 -17.51 -9.02
C ILE A 246 8.62 -18.90 -9.49
N ASP A 247 8.51 -19.88 -8.59
CA ASP A 247 8.63 -21.30 -8.95
C ASP A 247 7.31 -21.76 -9.53
N TRP A 248 7.27 -21.90 -10.85
CA TRP A 248 6.04 -22.29 -11.52
C TRP A 248 5.59 -23.68 -11.12
N ARG A 249 6.48 -24.54 -10.63
CA ARG A 249 6.11 -25.91 -10.31
C ARG A 249 5.12 -25.97 -9.15
N VAL A 250 5.19 -25.03 -8.20
CA VAL A 250 4.48 -25.23 -6.95
C VAL A 250 3.01 -24.86 -7.04
N TYR A 251 2.60 -24.16 -8.09
CA TYR A 251 1.19 -23.87 -8.30
C TYR A 251 0.45 -24.99 -9.02
N ILE A 252 1.14 -26.04 -9.45
CA ILE A 252 0.50 -27.16 -10.12
C ILE A 252 0.86 -28.51 -9.49
N ASP A 253 1.64 -28.52 -8.41
CA ASP A 253 2.15 -29.78 -7.89
C ASP A 253 1.10 -30.64 -7.18
N SER A 254 -0.02 -30.07 -6.73
CA SER A 254 -1.05 -30.86 -6.09
C SER A 254 -2.17 -31.27 -7.04
N LEU A 255 -2.06 -30.93 -8.33
CA LEU A 255 -3.12 -31.22 -9.29
C LEU A 255 -2.89 -32.52 -10.03
N GLU A 256 -3.99 -33.20 -10.33
CA GLU A 256 -3.89 -34.43 -11.10
C GLU A 256 -4.20 -34.19 -12.58
#